data_6GT3
#
_entry.id   6GT3
#
_cell.length_a   39.550
_cell.length_b   179.714
_cell.length_c   140.776
_cell.angle_alpha   90.00
_cell.angle_beta   90.00
_cell.angle_gamma   90.00
#
_symmetry.space_group_name_H-M   'C 2 2 21'
#
loop_
_entity.id
_entity.type
_entity.pdbx_description
1 polymer 'Adenosine receptor A2a,Soluble cytochrome b562,Adenosine receptor A2a'
2 non-polymer 'SODIUM ION'
3 non-polymer 6-(2-chloranyl-6-methyl-pyridin-4-yl)-5-(4-fluorophenyl)-1,2,4-triazin-3-amine
4 non-polymer CHOLESTEROL
5 non-polymer 'OLEIC ACID'
6 non-polymer '(2R)-2,3-dihydroxypropyl (9Z)-octadec-9-enoate'
7 water water
#
_entity_poly.entity_id   1
_entity_poly.type   'polypeptide(L)'
_entity_poly.pdbx_seq_one_letter_code
;DYKDDDDGAPPIMGSSVYITVELAIAVLAILGNVLVCWAVWLNSNLQNVTNYFVVSLAAADILVGVLAIPFAITISTGFC
AACHGCLFIACFVLVLAQSSIFSLLAIAIDRYIAIAIPLRYNGLVTGTRAAGIIAICWVLSFAIGLTPMLGWNNCGQPKE
GKAHSQGCGEGQVACLFEDVVPMNYMVYFNFFACVLVPLLLMLGVYLRIFAAARRQLADLEDNWETLNDNLKVIEKADNA
AQVKDALTKMRAAALDAQKATPPKLEDKSPDSPEMKDFRHGFDILVGQIDDALKLANEGKVKEAQAAAEQLKTTRNAYIQ
KYLERARSTLQKEVHAAKSAAIIAGLFALCWLPLHIINCFTFFCPDCSHAPLWLMYLAIVLAHTNSVVNPFIYAYRIREF
RQTFRKIIRSHVLRQQEPFKAAAHHHHHHHHHH
;
_entity_poly.pdbx_strand_id   A
#
loop_
_chem_comp.id
_chem_comp.type
_chem_comp.name
_chem_comp.formula
CLR non-polymer CHOLESTEROL 'C27 H46 O'
F9Q non-polymer 6-(2-chloranyl-6-methyl-pyridin-4-yl)-5-(4-fluorophenyl)-1,2,4-triazin-3-amine 'C15 H11 Cl F N5'
NA non-polymer 'SODIUM ION' 'Na 1'
OLA non-polymer 'OLEIC ACID' 'C18 H34 O2'
OLC non-polymer '(2R)-2,3-dihydroxypropyl (9Z)-octadec-9-enoate' 'C21 H40 O4'
#
# COMPACT_ATOMS: atom_id res chain seq x y z
N GLY A 8 13.60 -28.81 32.86
CA GLY A 8 12.52 -28.40 31.98
C GLY A 8 11.35 -27.80 32.72
N ALA A 9 11.30 -26.47 32.75
CA ALA A 9 10.24 -25.75 33.45
C ALA A 9 8.87 -26.10 32.89
N PRO A 10 7.83 -26.08 33.75
CA PRO A 10 6.45 -26.38 33.35
C PRO A 10 6.01 -25.62 32.10
N PRO A 11 5.57 -26.35 31.07
CA PRO A 11 5.17 -25.78 29.77
C PRO A 11 4.06 -24.74 29.90
N ILE A 12 3.23 -24.86 30.93
CA ILE A 12 2.10 -23.95 31.10
C ILE A 12 2.56 -22.54 31.50
N MET A 13 3.78 -22.43 32.01
CA MET A 13 4.33 -21.14 32.40
C MET A 13 4.73 -20.31 31.18
N GLY A 14 5.55 -20.89 30.32
CA GLY A 14 5.94 -20.23 29.09
C GLY A 14 4.74 -20.02 28.18
N SER A 15 3.81 -20.98 28.22
CA SER A 15 2.57 -20.88 27.48
C SER A 15 1.75 -19.69 27.96
N SER A 16 1.73 -19.49 29.28
CA SER A 16 0.96 -18.41 29.88
C SER A 16 1.37 -17.04 29.36
N VAL A 17 2.68 -16.80 29.30
CA VAL A 17 3.20 -15.54 28.79
C VAL A 17 2.83 -15.35 27.32
N TYR A 18 3.10 -16.38 26.51
CA TYR A 18 2.77 -16.35 25.10
C TYR A 18 1.27 -16.12 24.86
N ILE A 19 0.43 -16.87 25.59
CA ILE A 19 -1.01 -16.74 25.42
C ILE A 19 -1.52 -15.36 25.85
N THR A 20 -1.02 -14.86 26.98
CA THR A 20 -1.43 -13.55 27.48
C THR A 20 -1.09 -12.44 26.50
N VAL A 21 0.10 -12.50 25.94
CA VAL A 21 0.54 -11.52 24.94
C VAL A 21 -0.33 -11.60 23.68
N GLU A 22 -0.61 -12.81 23.23
CA GLU A 22 -1.45 -13.03 22.05
C GLU A 22 -2.84 -12.42 22.26
N LEU A 23 -3.41 -12.65 23.43
CA LEU A 23 -4.73 -12.12 23.75
C LEU A 23 -4.74 -10.60 23.80
N ALA A 24 -3.66 -10.01 24.31
CA ALA A 24 -3.53 -8.56 24.36
C ALA A 24 -3.45 -7.98 22.95
N ILE A 25 -2.76 -8.67 22.06
CA ILE A 25 -2.67 -8.26 20.67
C ILE A 25 -4.01 -8.38 19.97
N ALA A 26 -4.74 -9.46 20.27
CA ALA A 26 -6.04 -9.69 19.67
C ALA A 26 -7.03 -8.57 19.96
N VAL A 27 -7.08 -8.15 21.22
N VAL A 27 -7.07 -8.10 21.20
CA VAL A 27 -7.95 -7.06 21.65
CA VAL A 27 -8.02 -7.06 21.57
C VAL A 27 -7.61 -5.78 20.89
C VAL A 27 -7.62 -5.68 21.02
N LEU A 28 -6.32 -5.49 20.78
CA LEU A 28 -5.84 -4.26 20.15
C LEU A 28 -6.11 -4.29 18.64
N ALA A 29 -5.91 -5.44 18.01
CA ALA A 29 -6.11 -5.58 16.58
C ALA A 29 -7.58 -5.39 16.22
N ILE A 30 -8.47 -5.87 17.08
CA ILE A 30 -9.90 -5.75 16.85
C ILE A 30 -10.36 -4.31 17.03
N LEU A 31 -10.03 -3.72 18.18
CA LEU A 31 -10.45 -2.35 18.50
C LEU A 31 -9.97 -1.33 17.48
N GLY A 32 -8.68 -1.39 17.14
CA GLY A 32 -8.10 -0.43 16.22
C GLY A 32 -8.67 -0.50 14.82
N ASN A 33 -8.90 -1.71 14.33
CA ASN A 33 -9.35 -1.88 12.95
C ASN A 33 -10.86 -1.74 12.80
N VAL A 34 -11.60 -2.02 13.86
CA VAL A 34 -13.03 -1.71 13.88
C VAL A 34 -13.19 -0.20 13.76
N LEU A 35 -12.31 0.53 14.42
CA LEU A 35 -12.29 1.99 14.36
C LEU A 35 -12.04 2.48 12.94
N VAL A 36 -11.15 1.80 12.23
CA VAL A 36 -10.85 2.13 10.84
C VAL A 36 -12.08 1.95 9.95
N CYS A 37 -12.73 0.81 10.07
CA CYS A 37 -13.93 0.51 9.28
C CYS A 37 -15.05 1.49 9.60
N TRP A 38 -15.19 1.81 10.89
CA TRP A 38 -16.22 2.73 11.35
C TRP A 38 -16.01 4.13 10.78
N ALA A 39 -14.75 4.55 10.69
CA ALA A 39 -14.41 5.86 10.16
C ALA A 39 -14.77 5.99 8.69
N VAL A 40 -14.45 4.96 7.91
CA VAL A 40 -14.76 4.97 6.48
C VAL A 40 -16.27 4.97 6.26
N TRP A 41 -16.98 4.18 7.05
CA TRP A 41 -18.43 4.11 6.98
C TRP A 41 -19.09 5.47 7.25
N LEU A 42 -18.62 6.17 8.27
CA LEU A 42 -19.24 7.41 8.70
C LEU A 42 -18.88 8.62 7.83
N ASN A 43 -17.62 8.70 7.42
CA ASN A 43 -17.13 9.87 6.70
C ASN A 43 -17.09 9.67 5.19
N SER A 44 -17.86 10.49 4.48
N SER A 44 -17.86 10.49 4.48
CA SER A 44 -17.94 10.41 3.02
CA SER A 44 -17.94 10.42 3.03
C SER A 44 -16.63 10.84 2.36
C SER A 44 -16.63 10.83 2.36
N ASN A 45 -15.85 11.66 3.06
CA ASN A 45 -14.57 12.11 2.56
C ASN A 45 -13.53 10.98 2.57
N LEU A 46 -13.82 9.92 3.31
CA LEU A 46 -12.93 8.78 3.37
C LEU A 46 -13.42 7.65 2.47
N GLN A 47 -14.54 7.87 1.79
CA GLN A 47 -15.12 6.83 0.95
C GLN A 47 -14.63 6.91 -0.49
N ASN A 48 -13.46 6.32 -0.72
CA ASN A 48 -12.89 6.21 -2.06
C ASN A 48 -12.35 4.80 -2.28
N VAL A 49 -11.88 4.53 -3.49
CA VAL A 49 -11.39 3.20 -3.85
C VAL A 49 -10.22 2.79 -2.97
N THR A 50 -9.28 3.71 -2.77
CA THR A 50 -8.09 3.44 -1.95
C THR A 50 -8.47 2.95 -0.56
N ASN A 51 -9.45 3.61 0.05
CA ASN A 51 -9.86 3.26 1.41
C ASN A 51 -10.75 2.02 1.46
N TYR A 52 -11.27 1.60 0.31
CA TYR A 52 -12.02 0.35 0.27
C TYR A 52 -11.06 -0.82 0.45
N PHE A 53 -9.86 -0.70 -0.10
CA PHE A 53 -8.83 -1.71 0.08
C PHE A 53 -8.26 -1.63 1.50
N VAL A 54 -8.25 -0.42 2.05
CA VAL A 54 -7.86 -0.22 3.45
C VAL A 54 -8.82 -0.98 4.36
N VAL A 55 -10.11 -0.89 4.07
CA VAL A 55 -11.12 -1.59 4.85
C VAL A 55 -10.95 -3.11 4.72
N SER A 56 -10.70 -3.58 3.51
CA SER A 56 -10.46 -5.00 3.29
CA SER A 56 -10.46 -5.00 3.30
C SER A 56 -9.26 -5.46 4.12
N LEU A 57 -8.24 -4.61 4.18
CA LEU A 57 -7.05 -4.89 4.96
C LEU A 57 -7.38 -4.89 6.45
N ALA A 58 -8.23 -3.94 6.86
CA ALA A 58 -8.66 -3.85 8.25
C ALA A 58 -9.51 -5.06 8.63
N ALA A 59 -10.31 -5.55 7.69
CA ALA A 59 -11.14 -6.73 7.92
C ALA A 59 -10.29 -7.98 8.15
N ALA A 60 -9.20 -8.09 7.40
CA ALA A 60 -8.26 -9.20 7.58
C ALA A 60 -7.64 -9.16 8.96
N ASP A 61 -7.30 -7.95 9.42
CA ASP A 61 -6.67 -7.79 10.72
C ASP A 61 -7.65 -8.04 11.87
N ILE A 62 -8.93 -7.71 11.65
CA ILE A 62 -9.96 -8.04 12.62
C ILE A 62 -10.10 -9.55 12.76
N LEU A 63 -10.06 -10.26 11.64
CA LEU A 63 -10.14 -11.71 11.65
C LEU A 63 -8.89 -12.36 12.26
N VAL A 64 -7.77 -11.64 12.24
CA VAL A 64 -6.58 -12.12 12.92
C VAL A 64 -6.84 -12.17 14.42
N GLY A 65 -7.50 -11.15 14.95
CA GLY A 65 -7.81 -11.09 16.37
C GLY A 65 -8.89 -12.06 16.78
N VAL A 66 -9.91 -12.19 15.94
CA VAL A 66 -11.07 -13.02 16.27
C VAL A 66 -10.82 -14.52 16.03
N LEU A 67 -10.08 -14.86 14.97
CA LEU A 67 -9.92 -16.26 14.59
C LEU A 67 -8.47 -16.74 14.61
N ALA A 68 -7.58 -16.04 13.90
CA ALA A 68 -6.21 -16.50 13.74
C ALA A 68 -5.46 -16.63 15.06
N ILE A 69 -5.62 -15.66 15.96
CA ILE A 69 -4.92 -15.71 17.23
C ILE A 69 -5.49 -16.80 18.16
N PRO A 70 -6.84 -16.92 18.25
CA PRO A 70 -7.33 -18.10 18.98
C PRO A 70 -6.87 -19.43 18.37
N PHE A 71 -6.76 -19.49 17.05
CA PHE A 71 -6.24 -20.66 16.37
C PHE A 71 -4.78 -20.91 16.77
N ALA A 72 -3.99 -19.84 16.78
CA ALA A 72 -2.58 -19.92 17.16
C ALA A 72 -2.40 -20.40 18.59
N ILE A 73 -3.25 -19.91 19.49
CA ILE A 73 -3.21 -20.33 20.88
C ILE A 73 -3.52 -21.82 20.99
N THR A 74 -4.54 -22.27 20.26
CA THR A 74 -4.94 -23.68 20.26
C THR A 74 -3.82 -24.57 19.71
N ILE A 75 -3.15 -24.10 18.66
N ILE A 75 -3.17 -24.09 18.65
CA ILE A 75 -2.07 -24.88 18.04
CA ILE A 75 -2.06 -24.78 18.01
C ILE A 75 -0.88 -25.03 19.00
C ILE A 75 -0.90 -25.01 18.98
N SER A 76 -0.62 -24.00 19.80
CA SER A 76 0.51 -24.04 20.73
C SER A 76 0.40 -25.17 21.75
N THR A 77 -0.80 -25.68 21.98
CA THR A 77 -1.02 -26.76 22.93
C THR A 77 -0.67 -28.13 22.34
N GLY A 78 -0.69 -28.23 21.02
CA GLY A 78 -0.42 -29.50 20.36
C GLY A 78 -1.50 -30.54 20.64
N PHE A 79 -2.72 -30.07 20.82
CA PHE A 79 -3.87 -30.92 21.13
C PHE A 79 -4.12 -31.97 20.06
N CYS A 80 -4.76 -33.06 20.45
CA CYS A 80 -5.12 -34.13 19.51
C CYS A 80 -6.25 -33.66 18.60
N ALA A 81 -6.12 -33.91 17.31
CA ALA A 81 -7.12 -33.49 16.34
C ALA A 81 -7.05 -34.31 15.07
N ALA A 82 -8.18 -34.41 14.38
CA ALA A 82 -8.20 -34.97 13.03
C ALA A 82 -7.26 -34.12 12.17
N CYS A 83 -6.41 -34.78 11.39
CA CYS A 83 -5.32 -34.10 10.70
C CYS A 83 -5.80 -32.96 9.80
N HIS A 84 -6.89 -33.17 9.07
CA HIS A 84 -7.40 -32.14 8.17
C HIS A 84 -8.07 -31.02 8.95
N GLY A 85 -8.54 -31.33 10.15
CA GLY A 85 -9.08 -30.31 11.04
C GLY A 85 -7.94 -29.45 11.54
N CYS A 86 -6.84 -30.09 11.92
CA CYS A 86 -5.64 -29.39 12.34
C CYS A 86 -5.08 -28.55 11.20
N LEU A 87 -5.19 -29.09 9.99
CA LEU A 87 -4.72 -28.39 8.80
C LEU A 87 -5.43 -27.05 8.60
N PHE A 88 -6.75 -27.04 8.81
CA PHE A 88 -7.53 -25.84 8.60
C PHE A 88 -7.14 -24.73 9.58
N ILE A 89 -7.09 -25.10 10.86
N ILE A 89 -7.03 -25.07 10.86
CA ILE A 89 -6.66 -24.19 11.93
CA ILE A 89 -6.70 -24.05 11.86
C ILE A 89 -5.31 -23.59 11.61
C ILE A 89 -5.23 -23.62 11.78
N ALA A 90 -4.41 -24.44 11.12
CA ALA A 90 -3.03 -24.05 10.85
C ALA A 90 -2.93 -23.12 9.64
N CYS A 91 -3.77 -23.37 8.63
CA CYS A 91 -3.65 -22.67 7.36
C CYS A 91 -4.47 -21.38 7.27
N PHE A 92 -5.44 -21.21 8.16
CA PHE A 92 -6.33 -20.06 8.03
C PHE A 92 -5.57 -18.74 8.07
N VAL A 93 -4.47 -18.68 8.82
CA VAL A 93 -3.70 -17.44 8.92
C VAL A 93 -3.04 -17.12 7.57
N LEU A 94 -2.78 -18.16 6.77
CA LEU A 94 -2.20 -17.97 5.44
C LEU A 94 -3.19 -17.25 4.52
N VAL A 95 -4.48 -17.51 4.73
CA VAL A 95 -5.53 -16.84 3.98
C VAL A 95 -5.54 -15.35 4.28
N LEU A 96 -5.45 -15.02 5.56
CA LEU A 96 -5.50 -13.62 5.99
C LEU A 96 -4.26 -12.86 5.53
N ALA A 97 -3.10 -13.51 5.63
CA ALA A 97 -1.86 -12.89 5.18
C ALA A 97 -1.91 -12.65 3.68
N GLN A 98 -2.44 -13.63 2.93
CA GLN A 98 -2.51 -13.51 1.48
C GLN A 98 -3.45 -12.38 1.08
N SER A 99 -4.58 -12.27 1.80
N SER A 99 -4.57 -12.27 1.79
CA SER A 99 -5.54 -11.22 1.54
CA SER A 99 -5.55 -11.22 1.53
C SER A 99 -4.93 -9.85 1.77
C SER A 99 -4.95 -9.84 1.79
N SER A 100 -4.13 -9.75 2.83
CA SER A 100 -3.44 -8.51 3.16
C SER A 100 -2.49 -8.12 2.03
N ILE A 101 -1.76 -9.09 1.50
CA ILE A 101 -0.84 -8.87 0.40
C ILE A 101 -1.55 -8.33 -0.84
N PHE A 102 -2.67 -8.95 -1.20
CA PHE A 102 -3.47 -8.49 -2.34
C PHE A 102 -3.97 -7.05 -2.14
N SER A 103 -4.46 -6.76 -0.94
CA SER A 103 -4.94 -5.42 -0.63
C SER A 103 -3.81 -4.39 -0.72
N LEU A 104 -2.64 -4.74 -0.22
CA LEU A 104 -1.48 -3.85 -0.25
C LEU A 104 -1.04 -3.59 -1.69
N LEU A 105 -1.06 -4.63 -2.52
CA LEU A 105 -0.67 -4.49 -3.92
C LEU A 105 -1.66 -3.60 -4.66
N ALA A 106 -2.94 -3.77 -4.36
CA ALA A 106 -4.00 -3.00 -5.00
C ALA A 106 -3.91 -1.52 -4.64
N ILE A 107 -3.55 -1.23 -3.39
CA ILE A 107 -3.40 0.13 -2.92
C ILE A 107 -2.26 0.82 -3.68
N ALA A 108 -1.15 0.10 -3.85
CA ALA A 108 -0.01 0.62 -4.59
C ALA A 108 -0.37 0.92 -6.04
N ILE A 109 -1.08 0.00 -6.68
CA ILE A 109 -1.48 0.15 -8.07
C ILE A 109 -2.46 1.32 -8.21
N ASP A 110 -3.40 1.43 -7.27
CA ASP A 110 -4.36 2.52 -7.26
C ASP A 110 -3.66 3.87 -7.18
N ARG A 111 -2.63 3.96 -6.34
CA ARG A 111 -1.89 5.21 -6.20
C ARG A 111 -1.06 5.52 -7.45
N TYR A 112 -0.58 4.47 -8.11
CA TYR A 112 0.17 4.66 -9.35
C TYR A 112 -0.71 5.20 -10.47
N ILE A 113 -1.90 4.63 -10.61
CA ILE A 113 -2.87 5.11 -11.60
C ILE A 113 -3.23 6.57 -11.34
N ALA A 114 -3.39 6.91 -10.07
CA ALA A 114 -3.79 8.26 -9.69
C ALA A 114 -2.73 9.30 -10.06
N ILE A 115 -1.47 8.90 -10.05
CA ILE A 115 -0.38 9.84 -10.30
C ILE A 115 0.11 9.81 -11.76
N ALA A 116 -0.03 8.66 -12.41
CA ALA A 116 0.46 8.50 -13.77
C ALA A 116 -0.58 8.96 -14.80
N ILE A 117 -1.84 8.65 -14.53
CA ILE A 117 -2.92 9.06 -15.42
C ILE A 117 -4.14 9.59 -14.65
N PRO A 118 -3.97 10.75 -13.99
CA PRO A 118 -5.05 11.31 -13.16
C PRO A 118 -6.28 11.73 -13.97
N LEU A 119 -6.09 12.04 -15.24
CA LEU A 119 -7.19 12.53 -16.07
C LEU A 119 -8.22 11.44 -16.36
N ARG A 120 -7.80 10.18 -16.31
CA ARG A 120 -8.71 9.07 -16.58
C ARG A 120 -8.79 8.10 -15.41
N TYR A 121 -8.37 8.56 -14.24
CA TYR A 121 -8.45 7.75 -13.03
C TYR A 121 -9.90 7.43 -12.66
N ASN A 122 -10.73 8.47 -12.63
CA ASN A 122 -12.13 8.33 -12.21
C ASN A 122 -12.94 7.41 -13.13
N GLY A 123 -12.58 7.39 -14.42
CA GLY A 123 -13.27 6.55 -15.37
C GLY A 123 -12.75 5.12 -15.38
N LEU A 124 -11.56 4.93 -14.86
CA LEU A 124 -10.92 3.62 -14.83
C LEU A 124 -11.11 2.93 -13.49
N VAL A 125 -10.93 3.68 -12.42
CA VAL A 125 -10.98 3.12 -11.07
C VAL A 125 -12.24 3.55 -10.33
N THR A 126 -13.23 2.66 -10.29
CA THR A 126 -14.50 2.94 -9.63
C THR A 126 -14.73 2.05 -8.41
N GLY A 127 -15.71 2.42 -7.60
CA GLY A 127 -16.03 1.67 -6.39
C GLY A 127 -16.61 0.30 -6.71
N THR A 128 -17.39 0.22 -7.78
CA THR A 128 -18.00 -1.03 -8.21
C THR A 128 -16.94 -2.03 -8.65
N ARG A 129 -16.00 -1.57 -9.46
CA ARG A 129 -14.91 -2.43 -9.93
C ARG A 129 -14.00 -2.82 -8.77
N ALA A 130 -13.81 -1.90 -7.83
CA ALA A 130 -12.99 -2.17 -6.65
C ALA A 130 -13.60 -3.26 -5.79
N ALA A 131 -14.93 -3.20 -5.63
CA ALA A 131 -15.66 -4.20 -4.84
C ALA A 131 -15.50 -5.59 -5.45
N GLY A 132 -15.54 -5.65 -6.77
CA GLY A 132 -15.37 -6.92 -7.47
C GLY A 132 -13.96 -7.46 -7.30
N ILE A 133 -12.98 -6.57 -7.37
CA ILE A 133 -11.58 -6.94 -7.20
C ILE A 133 -11.35 -7.50 -5.79
N ILE A 134 -11.91 -6.82 -4.79
CA ILE A 134 -11.79 -7.25 -3.40
C ILE A 134 -12.39 -8.65 -3.22
N ALA A 135 -13.55 -8.88 -3.83
CA ALA A 135 -14.22 -10.18 -3.77
C ALA A 135 -13.34 -11.27 -4.39
N ILE A 136 -12.77 -10.98 -5.55
CA ILE A 136 -11.90 -11.93 -6.25
C ILE A 136 -10.66 -12.24 -5.42
N CYS A 137 -10.06 -11.21 -4.85
CA CYS A 137 -8.83 -11.37 -4.08
C CYS A 137 -9.04 -12.20 -2.81
N TRP A 138 -10.22 -12.09 -2.20
CA TRP A 138 -10.53 -12.91 -1.04
C TRP A 138 -10.71 -14.38 -1.42
N VAL A 139 -11.36 -14.63 -2.55
CA VAL A 139 -11.51 -15.99 -3.04
C VAL A 139 -10.15 -16.61 -3.34
N LEU A 140 -9.28 -15.84 -4.00
CA LEU A 140 -7.94 -16.30 -4.32
CA LEU A 140 -7.94 -16.30 -4.32
C LEU A 140 -7.10 -16.54 -3.06
N SER A 141 -7.35 -15.74 -2.02
N SER A 141 -7.36 -15.75 -2.03
CA SER A 141 -6.62 -15.89 -0.77
CA SER A 141 -6.64 -15.88 -0.77
C SER A 141 -6.97 -17.20 -0.08
C SER A 141 -6.98 -17.19 -0.07
N PHE A 142 -8.24 -17.58 -0.13
CA PHE A 142 -8.67 -18.86 0.43
C PHE A 142 -8.07 -20.01 -0.38
N ALA A 143 -8.05 -19.86 -1.69
CA ALA A 143 -7.48 -20.88 -2.57
C ALA A 143 -5.99 -21.10 -2.29
N ILE A 144 -5.24 -19.99 -2.21
CA ILE A 144 -3.81 -20.05 -1.94
C ILE A 144 -3.53 -20.56 -0.52
N GLY A 145 -4.20 -19.97 0.46
CA GLY A 145 -3.97 -20.30 1.85
C GLY A 145 -4.38 -21.69 2.26
N LEU A 146 -5.44 -22.21 1.63
CA LEU A 146 -5.94 -23.54 1.95
C LEU A 146 -5.51 -24.58 0.94
N THR A 147 -4.52 -24.24 0.12
CA THR A 147 -3.95 -25.21 -0.82
C THR A 147 -3.48 -26.52 -0.15
N PRO A 148 -2.88 -26.44 1.05
CA PRO A 148 -2.56 -27.72 1.73
C PRO A 148 -3.75 -28.65 1.98
N MET A 149 -4.94 -28.08 2.10
N MET A 149 -4.94 -28.07 2.12
CA MET A 149 -6.14 -28.91 2.31
CA MET A 149 -6.15 -28.86 2.32
C MET A 149 -6.56 -29.61 1.01
C MET A 149 -6.49 -29.71 1.11
N LEU A 150 -5.90 -29.27 -0.09
N LEU A 150 -5.98 -29.30 -0.06
CA LEU A 150 -6.19 -29.90 -1.38
CA LEU A 150 -6.30 -29.98 -1.31
C LEU A 150 -5.32 -31.12 -1.61
C LEU A 150 -5.44 -31.23 -1.52
N GLY A 151 -4.44 -31.42 -0.65
CA GLY A 151 -3.61 -32.61 -0.74
C GLY A 151 -2.13 -32.37 -0.49
N TRP A 152 -1.69 -31.12 -0.58
CA TRP A 152 -0.29 -30.80 -0.34
C TRP A 152 -0.06 -30.69 1.17
N ASN A 153 -0.05 -31.84 1.84
CA ASN A 153 0.10 -31.88 3.28
C ASN A 153 0.80 -33.14 3.76
N ASN A 154 1.06 -33.23 5.06
CA ASN A 154 1.75 -34.38 5.63
C ASN A 154 0.81 -35.31 6.39
N CYS A 155 -0.48 -35.24 6.08
CA CYS A 155 -1.48 -36.05 6.79
C CYS A 155 -1.39 -37.52 6.41
N GLY A 156 -0.80 -37.79 5.24
CA GLY A 156 -0.63 -39.15 4.77
C GLY A 156 0.45 -39.89 5.54
N GLN A 157 1.37 -39.14 6.14
CA GLN A 157 2.46 -39.73 6.91
C GLN A 157 2.53 -39.11 8.31
N PRO A 158 1.54 -39.42 9.15
CA PRO A 158 1.46 -38.80 10.48
C PRO A 158 2.56 -39.28 11.43
N LYS A 159 2.91 -38.43 12.39
CA LYS A 159 3.85 -38.81 13.44
C LYS A 159 3.13 -39.63 14.50
N GLU A 160 3.09 -40.95 14.29
CA GLU A 160 2.31 -41.84 15.13
C GLU A 160 2.88 -41.96 16.54
N GLY A 161 4.20 -41.83 16.66
CA GLY A 161 4.85 -41.89 17.95
C GLY A 161 4.45 -40.73 18.83
N LYS A 162 4.39 -39.54 18.23
CA LYS A 162 3.98 -38.34 18.94
C LYS A 162 2.50 -38.42 19.31
N ALA A 163 1.70 -38.92 18.38
CA ALA A 163 0.26 -39.04 18.60
C ALA A 163 -0.06 -40.01 19.73
N HIS A 164 0.65 -41.13 19.76
CA HIS A 164 0.44 -42.14 20.80
C HIS A 164 0.85 -41.63 22.17
N SER A 165 1.95 -40.89 22.22
CA SER A 165 2.48 -40.39 23.49
C SER A 165 1.52 -39.38 24.12
N GLN A 166 0.74 -38.70 23.28
CA GLN A 166 -0.24 -37.74 23.78
C GLN A 166 -1.61 -38.39 23.94
N GLY A 167 -1.68 -39.68 23.62
CA GLY A 167 -2.91 -40.44 23.80
C GLY A 167 -3.99 -40.06 22.79
N CYS A 168 -3.59 -39.70 21.58
CA CYS A 168 -4.54 -39.34 20.53
C CYS A 168 -5.30 -40.57 20.05
N GLY A 169 -6.50 -40.35 19.53
CA GLY A 169 -7.31 -41.44 19.00
C GLY A 169 -6.89 -41.79 17.58
N GLU A 170 -7.57 -42.76 16.98
CA GLU A 170 -7.26 -43.18 15.63
C GLU A 170 -7.65 -42.10 14.61
N GLY A 171 -6.73 -41.82 13.69
CA GLY A 171 -6.95 -40.80 12.69
C GLY A 171 -6.52 -39.43 13.19
N GLN A 172 -6.20 -39.35 14.47
CA GLN A 172 -5.80 -38.08 15.07
C GLN A 172 -4.28 -37.93 15.14
N VAL A 173 -3.84 -36.69 15.08
CA VAL A 173 -2.43 -36.36 15.24
C VAL A 173 -2.27 -35.28 16.30
N ALA A 174 -1.07 -35.11 16.82
CA ALA A 174 -0.76 -33.95 17.63
C ALA A 174 -0.75 -32.73 16.70
N CYS A 175 -1.61 -31.75 16.99
CA CYS A 175 -1.78 -30.64 16.07
C CYS A 175 -0.66 -29.62 16.20
N LEU A 176 0.31 -29.70 15.30
CA LEU A 176 1.43 -28.78 15.26
C LEU A 176 1.64 -28.36 13.81
N PHE A 177 1.86 -27.06 13.60
CA PHE A 177 1.97 -26.48 12.27
C PHE A 177 2.95 -27.24 11.37
N GLU A 178 4.19 -27.39 11.84
CA GLU A 178 5.23 -27.99 11.02
C GLU A 178 5.05 -29.50 10.81
N ASP A 179 4.15 -30.11 11.57
CA ASP A 179 3.89 -31.53 11.40
C ASP A 179 2.88 -31.81 10.29
N VAL A 180 2.03 -30.84 9.99
CA VAL A 180 0.98 -31.06 8.99
C VAL A 180 1.16 -30.24 7.73
N VAL A 181 1.78 -29.06 7.86
CA VAL A 181 2.02 -28.20 6.71
C VAL A 181 3.43 -28.45 6.17
N PRO A 182 3.54 -28.86 4.89
CA PRO A 182 4.85 -29.17 4.31
C PRO A 182 5.72 -27.92 4.23
N MET A 183 7.00 -28.07 4.52
N MET A 183 7.00 -28.08 4.52
CA MET A 183 7.89 -26.91 4.50
CA MET A 183 7.93 -26.96 4.50
C MET A 183 8.20 -26.46 3.07
C MET A 183 8.21 -26.47 3.08
N ASN A 184 8.16 -27.38 2.11
CA ASN A 184 8.39 -27.00 0.73
C ASN A 184 7.24 -26.13 0.22
N TYR A 185 6.03 -26.39 0.69
CA TYR A 185 4.91 -25.48 0.44
C TYR A 185 5.18 -24.10 1.04
N MET A 186 5.61 -24.09 2.29
CA MET A 186 5.80 -22.84 3.03
C MET A 186 6.91 -21.98 2.42
N VAL A 187 7.95 -22.64 1.90
CA VAL A 187 9.09 -21.91 1.38
C VAL A 187 8.91 -21.53 -0.10
N TYR A 188 8.65 -22.53 -0.94
CA TYR A 188 8.59 -22.30 -2.38
C TYR A 188 7.28 -21.65 -2.81
N PHE A 189 6.17 -22.19 -2.34
CA PHE A 189 4.85 -21.76 -2.80
C PHE A 189 4.37 -20.53 -2.04
N ASN A 190 4.32 -20.62 -0.71
CA ASN A 190 3.79 -19.52 0.06
C ASN A 190 4.74 -18.32 0.10
N PHE A 191 5.97 -18.55 0.55
CA PHE A 191 6.92 -17.45 0.70
C PHE A 191 7.41 -16.89 -0.64
N PHE A 192 8.12 -17.71 -1.40
CA PHE A 192 8.74 -17.21 -2.63
C PHE A 192 7.70 -16.71 -3.64
N ALA A 193 6.74 -17.57 -3.97
CA ALA A 193 5.77 -17.25 -5.01
C ALA A 193 4.68 -16.27 -4.57
N CYS A 194 4.09 -16.51 -3.40
CA CYS A 194 2.88 -15.80 -3.01
C CYS A 194 3.13 -14.61 -2.08
N VAL A 195 4.34 -14.50 -1.54
CA VAL A 195 4.65 -13.40 -0.64
C VAL A 195 5.78 -12.52 -1.18
N LEU A 196 6.91 -13.13 -1.51
N LEU A 196 6.92 -13.14 -1.48
CA LEU A 196 8.09 -12.39 -1.94
CA LEU A 196 8.10 -12.39 -1.95
C LEU A 196 7.90 -11.69 -3.28
C LEU A 196 7.85 -11.67 -3.26
N VAL A 197 7.34 -12.41 -4.26
CA VAL A 197 7.12 -11.83 -5.58
C VAL A 197 6.12 -10.67 -5.55
N PRO A 198 4.97 -10.82 -4.86
CA PRO A 198 4.10 -9.66 -4.79
C PRO A 198 4.72 -8.46 -4.04
N LEU A 199 5.51 -8.73 -3.01
CA LEU A 199 6.17 -7.65 -2.27
C LEU A 199 7.20 -6.94 -3.16
N LEU A 200 7.90 -7.71 -3.99
CA LEU A 200 8.87 -7.12 -4.91
C LEU A 200 8.17 -6.33 -6.01
N LEU A 201 7.03 -6.83 -6.48
CA LEU A 201 6.21 -6.10 -7.44
C LEU A 201 5.75 -4.79 -6.83
N MET A 202 5.34 -4.86 -5.56
N MET A 202 5.36 -4.86 -5.56
CA MET A 202 4.94 -3.66 -4.81
CA MET A 202 4.95 -3.69 -4.79
C MET A 202 6.06 -2.63 -4.79
C MET A 202 6.03 -2.64 -4.72
N LEU A 203 7.27 -3.09 -4.50
CA LEU A 203 8.42 -2.21 -4.45
C LEU A 203 8.63 -1.54 -5.80
N GLY A 204 8.47 -2.31 -6.87
CA GLY A 204 8.59 -1.78 -8.22
C GLY A 204 7.55 -0.72 -8.52
N VAL A 205 6.32 -0.93 -8.04
CA VAL A 205 5.25 0.02 -8.26
C VAL A 205 5.53 1.34 -7.55
N TYR A 206 5.95 1.26 -6.28
CA TYR A 206 6.23 2.46 -5.51
C TYR A 206 7.43 3.22 -6.07
N LEU A 207 8.42 2.50 -6.60
CA LEU A 207 9.54 3.16 -7.27
C LEU A 207 9.05 3.96 -8.47
N ARG A 208 8.14 3.37 -9.23
CA ARG A 208 7.58 4.03 -10.40
C ARG A 208 6.71 5.22 -10.01
N ILE A 209 6.04 5.12 -8.85
CA ILE A 209 5.22 6.20 -8.34
C ILE A 209 6.07 7.42 -7.99
N PHE A 210 7.11 7.21 -7.20
CA PHE A 210 7.97 8.30 -6.75
C PHE A 210 8.77 8.90 -7.90
N ALA A 211 9.12 8.06 -8.88
CA ALA A 211 9.83 8.54 -10.06
C ALA A 211 8.90 9.39 -10.92
N ALA A 212 7.63 9.00 -10.98
CA ALA A 212 6.63 9.75 -11.74
C ALA A 212 6.37 11.11 -11.10
N ALA A 213 6.35 11.12 -9.77
CA ALA A 213 6.15 12.35 -9.01
C ALA A 213 7.30 13.33 -9.22
N ARG A 214 8.52 12.80 -9.13
CA ARG A 214 9.72 13.62 -9.29
C ARG A 214 9.81 14.22 -10.69
N ARG A 215 9.38 13.47 -11.69
CA ARG A 215 9.41 13.92 -13.07
C ARG A 215 8.39 15.03 -13.31
N GLN A 216 7.20 14.88 -12.73
CA GLN A 216 6.14 15.86 -12.93
C GLN A 216 6.44 17.17 -12.19
N LEU A 217 7.09 17.06 -11.04
CA LEU A 217 7.51 18.24 -10.30
C LEU A 217 8.61 18.97 -11.06
N ALA A 218 9.45 18.20 -11.74
CA ALA A 218 10.52 18.76 -12.55
C ALA A 218 9.96 19.46 -13.79
N ASP A 219 8.92 18.87 -14.37
CA ASP A 219 8.28 19.44 -15.55
C ASP A 219 7.60 20.77 -15.22
N LEU A 220 7.00 20.85 -14.04
CA LEU A 220 6.37 22.09 -13.60
C LEU A 220 7.38 23.21 -13.45
N GLU A 221 8.55 22.86 -12.90
CA GLU A 221 9.60 23.85 -12.68
C GLU A 221 10.25 24.26 -14.00
N ASP A 222 10.40 23.31 -14.91
CA ASP A 222 11.00 23.58 -16.21
C ASP A 222 10.11 24.51 -17.04
N ASN A 223 8.80 24.31 -16.96
CA ASN A 223 7.87 25.21 -17.63
C ASN A 223 7.92 26.61 -17.04
N TRP A 224 7.92 26.68 -15.72
CA TRP A 224 7.99 27.95 -15.01
C TRP A 224 9.29 28.70 -15.36
N GLU A 225 10.39 27.97 -15.45
CA GLU A 225 11.67 28.57 -15.80
C GLU A 225 11.68 29.04 -17.25
N THR A 226 11.10 28.24 -18.14
CA THR A 226 11.02 28.58 -19.56
C THR A 226 10.22 29.86 -19.74
N LEU A 227 9.20 30.04 -18.92
N LEU A 227 9.18 30.03 -18.93
CA LEU A 227 8.36 31.23 -18.97
CA LEU A 227 8.35 31.23 -18.95
C LEU A 227 9.12 32.49 -18.57
C LEU A 227 9.17 32.47 -18.60
N ASN A 228 9.86 32.41 -17.47
CA ASN A 228 10.62 33.55 -16.97
C ASN A 228 11.88 33.86 -17.78
N ASP A 229 12.54 32.81 -18.28
CA ASP A 229 13.76 32.99 -19.06
C ASP A 229 13.47 33.69 -20.38
N ASN A 230 12.45 33.24 -21.08
CA ASN A 230 12.10 33.83 -22.37
C ASN A 230 11.59 35.26 -22.25
N LEU A 231 11.07 35.61 -21.08
CA LEU A 231 10.67 37.00 -20.83
C LEU A 231 11.89 37.91 -20.80
N LYS A 232 12.99 37.42 -20.22
CA LYS A 232 14.23 38.17 -20.17
C LYS A 232 14.84 38.30 -21.56
N VAL A 233 14.65 37.27 -22.38
CA VAL A 233 15.15 37.27 -23.75
C VAL A 233 14.49 38.35 -24.59
N ILE A 234 13.17 38.46 -24.46
CA ILE A 234 12.38 39.44 -25.21
C ILE A 234 12.77 40.87 -24.85
N GLU A 235 12.98 41.12 -23.56
CA GLU A 235 13.34 42.45 -23.08
C GLU A 235 14.69 42.90 -23.62
N LYS A 236 15.62 41.97 -23.75
CA LYS A 236 16.97 42.29 -24.19
C LYS A 236 17.18 41.97 -25.67
N ALA A 237 16.09 41.73 -26.40
CA ALA A 237 16.17 41.49 -27.83
C ALA A 237 16.44 42.79 -28.57
N ASP A 238 16.93 42.68 -29.80
CA ASP A 238 17.24 43.87 -30.59
C ASP A 238 16.46 43.89 -31.91
N ASN A 239 15.97 42.73 -32.32
CA ASN A 239 15.18 42.62 -33.54
C ASN A 239 13.89 41.84 -33.32
N ALA A 240 12.96 41.96 -34.27
CA ALA A 240 11.66 41.33 -34.15
C ALA A 240 11.74 39.81 -34.25
N ALA A 241 12.76 39.31 -34.94
CA ALA A 241 12.93 37.87 -35.10
C ALA A 241 13.23 37.19 -33.77
N GLN A 242 14.08 37.82 -32.96
CA GLN A 242 14.44 37.29 -31.65
C GLN A 242 13.24 37.28 -30.71
N VAL A 243 12.41 38.31 -30.81
CA VAL A 243 11.19 38.39 -30.02
C VAL A 243 10.24 37.26 -30.42
N LYS A 244 10.16 36.99 -31.72
CA LYS A 244 9.27 35.96 -32.25
C LYS A 244 9.65 34.57 -31.74
N ASP A 245 10.93 34.22 -31.85
CA ASP A 245 11.41 32.91 -31.42
C ASP A 245 11.14 32.65 -29.95
N ALA A 246 11.34 33.67 -29.12
CA ALA A 246 11.12 33.53 -27.69
C ALA A 246 9.64 33.37 -27.37
N LEU A 247 8.80 34.06 -28.13
CA LEU A 247 7.35 34.00 -27.94
C LEU A 247 6.78 32.65 -28.37
N THR A 248 7.34 32.07 -29.42
N THR A 248 7.35 32.08 -29.42
CA THR A 248 6.89 30.77 -29.91
CA THR A 248 6.92 30.78 -29.93
C THR A 248 7.17 29.68 -28.89
C THR A 248 7.17 29.69 -28.89
N LYS A 249 8.31 29.77 -28.23
CA LYS A 249 8.67 28.82 -27.18
C LYS A 249 7.76 29.02 -25.96
N MET A 250 7.37 30.28 -25.72
CA MET A 250 6.46 30.57 -24.62
C MET A 250 5.08 30.02 -24.89
N ARG A 251 4.59 30.18 -26.12
CA ARG A 251 3.26 29.74 -26.47
C ARG A 251 3.12 28.22 -26.33
N ALA A 252 4.18 27.50 -26.69
CA ALA A 252 4.20 26.04 -26.57
C ALA A 252 4.28 25.62 -25.10
N ALA A 253 5.06 26.36 -24.32
CA ALA A 253 5.21 26.07 -22.90
C ALA A 253 3.93 26.39 -22.13
N ALA A 254 3.22 27.40 -22.60
CA ALA A 254 1.95 27.80 -21.97
C ALA A 254 0.88 26.74 -22.17
N LEU A 255 0.81 26.20 -23.39
CA LEU A 255 -0.17 25.17 -23.71
C LEU A 255 0.22 23.84 -23.09
N ASP A 256 1.52 23.62 -22.92
CA ASP A 256 2.02 22.41 -22.30
C ASP A 256 1.74 22.42 -20.80
N ALA A 257 1.74 23.62 -20.21
CA ALA A 257 1.44 23.77 -18.79
C ALA A 257 -0.06 23.79 -18.56
N GLN A 258 -0.81 24.11 -19.61
CA GLN A 258 -2.27 24.18 -19.52
C GLN A 258 -2.87 22.76 -19.44
N LYS A 259 -2.15 21.79 -19.99
CA LYS A 259 -2.61 20.40 -19.97
C LYS A 259 -2.42 19.80 -18.58
N MET A 275 -11.28 25.42 -12.22
CA MET A 275 -11.02 25.15 -13.63
C MET A 275 -11.51 26.31 -14.50
N LYS A 276 -12.26 27.22 -13.89
CA LYS A 276 -12.77 28.39 -14.61
C LYS A 276 -11.83 29.57 -14.47
N ASP A 277 -11.28 29.75 -13.27
CA ASP A 277 -10.28 30.78 -13.03
C ASP A 277 -8.94 30.33 -13.61
N PHE A 278 -8.77 29.01 -13.67
CA PHE A 278 -7.58 28.40 -14.25
C PHE A 278 -7.53 28.62 -15.76
N ARG A 279 -8.63 28.33 -16.43
CA ARG A 279 -8.72 28.47 -17.88
C ARG A 279 -8.63 29.93 -18.30
N HIS A 280 -9.29 30.81 -17.56
CA HIS A 280 -9.29 32.23 -17.86
C HIS A 280 -7.88 32.81 -17.75
N GLY A 281 -7.13 32.36 -16.75
CA GLY A 281 -5.76 32.80 -16.55
C GLY A 281 -4.86 32.44 -17.71
N PHE A 282 -5.04 31.23 -18.23
CA PHE A 282 -4.25 30.78 -19.37
C PHE A 282 -4.79 31.34 -20.70
N ASP A 283 -6.10 31.62 -20.73
CA ASP A 283 -6.69 32.25 -21.90
C ASP A 283 -6.09 33.65 -22.09
N ILE A 284 -5.86 34.34 -20.98
CA ILE A 284 -5.22 35.65 -21.02
C ILE A 284 -3.78 35.52 -21.48
N LEU A 285 -3.08 34.53 -20.94
CA LEU A 285 -1.65 34.33 -21.24
C LEU A 285 -1.40 34.04 -22.71
N VAL A 286 -2.11 33.06 -23.25
CA VAL A 286 -1.94 32.68 -24.66
C VAL A 286 -2.32 33.83 -25.58
N GLY A 287 -3.42 34.51 -25.24
CA GLY A 287 -3.87 35.66 -26.01
C GLY A 287 -2.86 36.79 -26.03
N GLN A 288 -2.26 37.07 -24.88
CA GLN A 288 -1.26 38.12 -24.76
C GLN A 288 0.01 37.76 -25.53
N ILE A 289 0.32 36.47 -25.58
CA ILE A 289 1.45 35.99 -26.38
C ILE A 289 1.15 36.18 -27.86
N ASP A 290 -0.09 35.86 -28.25
CA ASP A 290 -0.51 36.02 -29.64
C ASP A 290 -0.49 37.48 -30.09
N ASP A 291 -0.84 38.38 -29.18
CA ASP A 291 -0.81 39.80 -29.47
C ASP A 291 0.61 40.26 -29.74
N ALA A 292 1.55 39.82 -28.89
CA ALA A 292 2.95 40.18 -29.05
C ALA A 292 3.54 39.52 -30.31
N LEU A 293 3.07 38.30 -30.60
N LEU A 293 3.08 38.30 -30.59
CA LEU A 293 3.54 37.56 -31.76
CA LEU A 293 3.54 37.56 -31.77
C LEU A 293 3.13 38.24 -33.06
C LEU A 293 3.14 38.28 -33.05
N LYS A 294 1.92 38.80 -33.07
CA LYS A 294 1.42 39.52 -34.23
C LYS A 294 2.24 40.78 -34.48
N LEU A 295 2.58 41.47 -33.40
CA LEU A 295 3.39 42.68 -33.47
C LEU A 295 4.82 42.34 -33.92
N ALA A 296 5.30 41.18 -33.47
CA ALA A 296 6.64 40.73 -33.82
C ALA A 296 6.74 40.39 -35.30
N ASN A 297 5.70 39.77 -35.84
CA ASN A 297 5.67 39.40 -37.26
C ASN A 297 5.54 40.61 -38.17
N GLU A 298 5.19 41.75 -37.59
CA GLU A 298 5.07 42.99 -38.35
C GLU A 298 6.35 43.81 -38.25
N GLY A 299 7.31 43.30 -37.49
CA GLY A 299 8.60 43.97 -37.34
C GLY A 299 8.56 45.09 -36.31
N LYS A 300 7.48 45.18 -35.56
CA LYS A 300 7.34 46.21 -34.54
C LYS A 300 7.92 45.73 -33.21
N VAL A 301 9.23 45.81 -33.09
CA VAL A 301 9.95 45.26 -31.95
C VAL A 301 9.55 45.90 -30.62
N LYS A 302 9.66 47.23 -30.54
CA LYS A 302 9.33 47.96 -29.32
C LYS A 302 7.90 47.70 -28.86
N GLU A 303 6.98 47.67 -29.82
CA GLU A 303 5.57 47.44 -29.53
C GLU A 303 5.34 46.00 -29.08
N ALA A 304 6.16 45.09 -29.59
CA ALA A 304 6.07 43.69 -29.22
C ALA A 304 6.59 43.47 -27.80
N GLN A 305 7.70 44.13 -27.48
CA GLN A 305 8.30 44.04 -26.15
C GLN A 305 7.39 44.61 -25.08
N ALA A 306 6.74 45.73 -25.38
CA ALA A 306 5.82 46.36 -24.44
C ALA A 306 4.62 45.47 -24.18
N ALA A 307 4.14 44.81 -25.24
CA ALA A 307 3.01 43.89 -25.12
C ALA A 307 3.42 42.64 -24.33
N ALA A 308 4.67 42.23 -24.48
CA ALA A 308 5.19 41.06 -23.78
C ALA A 308 5.41 41.36 -22.30
N GLU A 309 5.50 42.64 -21.97
CA GLU A 309 5.72 43.05 -20.58
C GLU A 309 4.43 42.87 -19.77
N GLN A 310 3.31 42.88 -20.46
CA GLN A 310 2.01 42.68 -19.82
C GLN A 310 1.84 41.26 -19.31
N LEU A 311 2.66 40.35 -19.86
CA LEU A 311 2.63 38.94 -19.47
C LEU A 311 3.01 38.75 -18.01
N LYS A 312 3.82 39.66 -17.47
CA LYS A 312 4.24 39.57 -16.09
C LYS A 312 3.08 39.78 -15.12
N THR A 313 2.11 40.61 -15.53
CA THR A 313 0.93 40.85 -14.72
C THR A 313 0.08 39.58 -14.64
N THR A 314 -0.08 38.91 -15.77
CA THR A 314 -0.83 37.66 -15.84
C THR A 314 -0.12 36.56 -15.05
N ARG A 315 1.19 36.54 -15.14
CA ARG A 315 2.02 35.56 -14.45
C ARG A 315 1.86 35.63 -12.94
N ASN A 316 1.87 36.84 -12.40
CA ASN A 316 1.81 37.04 -10.96
C ASN A 316 0.41 36.87 -10.39
N ALA A 317 -0.60 37.04 -11.23
CA ALA A 317 -1.99 37.01 -10.77
C ALA A 317 -2.63 35.63 -10.94
N TYR A 318 -2.20 34.91 -11.97
CA TYR A 318 -2.83 33.63 -12.30
C TYR A 318 -1.85 32.46 -12.35
N ILE A 319 -0.87 32.55 -13.23
CA ILE A 319 0.02 31.43 -13.54
C ILE A 319 0.78 30.91 -12.32
N GLN A 320 1.32 31.83 -11.52
CA GLN A 320 2.09 31.45 -10.33
C GLN A 320 1.21 30.72 -9.32
N LYS A 321 -0.06 31.12 -9.24
CA LYS A 321 -1.00 30.48 -8.34
C LYS A 321 -1.27 29.04 -8.78
N TYR A 322 -1.36 28.82 -10.09
CA TYR A 322 -1.57 27.48 -10.62
C TYR A 322 -0.34 26.61 -10.37
N LEU A 323 0.83 27.21 -10.48
CA LEU A 323 2.10 26.52 -10.24
C LEU A 323 2.19 25.96 -8.82
N GLU A 324 1.89 26.80 -7.84
CA GLU A 324 1.98 26.42 -6.44
C GLU A 324 0.93 25.39 -6.07
N ARG A 325 -0.28 25.54 -6.61
CA ARG A 325 -1.35 24.60 -6.32
C ARG A 325 -1.07 23.23 -6.95
N ALA A 326 -0.54 23.23 -8.16
CA ALA A 326 -0.17 21.99 -8.83
C ALA A 326 0.97 21.31 -8.07
N ARG A 327 1.90 22.11 -7.57
CA ARG A 327 3.01 21.60 -6.79
C ARG A 327 2.52 21.03 -5.46
N SER A 328 1.54 21.71 -4.87
CA SER A 328 0.97 21.29 -3.60
C SER A 328 0.22 19.97 -3.73
N THR A 329 -0.46 19.79 -4.85
CA THR A 329 -1.23 18.57 -5.08
C THR A 329 -0.32 17.36 -5.24
N LEU A 330 0.79 17.55 -5.95
CA LEU A 330 1.77 16.48 -6.15
C LEU A 330 2.43 16.10 -4.83
N GLN A 331 2.79 17.09 -4.03
CA GLN A 331 3.42 16.82 -2.74
C GLN A 331 2.49 16.04 -1.82
N LYS A 332 1.19 16.27 -1.95
CA LYS A 332 0.21 15.53 -1.16
C LYS A 332 0.10 14.08 -1.64
N GLU A 333 0.20 13.88 -2.95
CA GLU A 333 0.18 12.53 -3.51
C GLU A 333 1.42 11.76 -3.10
N VAL A 334 2.57 12.44 -3.07
CA VAL A 334 3.81 11.84 -2.60
C VAL A 334 3.67 11.41 -1.15
N HIS A 335 3.11 12.31 -0.34
CA HIS A 335 2.93 12.04 1.08
C HIS A 335 1.98 10.87 1.31
N ALA A 336 0.91 10.82 0.52
CA ALA A 336 -0.06 9.74 0.63
C ALA A 336 0.55 8.41 0.16
N ALA A 337 1.39 8.48 -0.86
CA ALA A 337 2.07 7.28 -1.36
C ALA A 337 3.08 6.77 -0.36
N LYS A 338 3.72 7.69 0.36
CA LYS A 338 4.69 7.32 1.39
C LYS A 338 4.01 6.61 2.55
N SER A 339 2.83 7.11 2.95
CA SER A 339 2.06 6.49 4.03
C SER A 339 1.68 5.05 3.67
N ALA A 340 1.28 4.86 2.41
CA ALA A 340 0.90 3.53 1.95
C ALA A 340 2.11 2.59 1.88
N ALA A 341 3.25 3.14 1.49
CA ALA A 341 4.48 2.34 1.39
C ALA A 341 4.99 1.92 2.77
N ILE A 342 4.80 2.79 3.75
CA ILE A 342 5.18 2.49 5.14
C ILE A 342 4.39 1.29 5.66
N ILE A 343 3.10 1.26 5.38
N ILE A 343 3.09 1.28 5.39
CA ILE A 343 2.26 0.14 5.80
CA ILE A 343 2.21 0.17 5.73
C ILE A 343 2.67 -1.16 5.10
C ILE A 343 2.71 -1.13 5.11
N ALA A 344 3.05 -1.04 3.83
CA ALA A 344 3.54 -2.18 3.06
C ALA A 344 4.87 -2.67 3.63
N GLY A 345 5.73 -1.72 3.98
CA GLY A 345 7.03 -2.06 4.55
C GLY A 345 6.90 -2.72 5.90
N LEU A 346 5.97 -2.23 6.72
CA LEU A 346 5.74 -2.79 8.04
C LEU A 346 5.23 -4.23 7.97
N PHE A 347 4.39 -4.52 6.97
CA PHE A 347 3.91 -5.87 6.75
C PHE A 347 5.11 -6.79 6.49
N ALA A 348 6.01 -6.33 5.61
CA ALA A 348 7.20 -7.10 5.28
C ALA A 348 8.07 -7.34 6.52
N LEU A 349 8.33 -6.27 7.26
N LEU A 349 8.33 -6.27 7.26
CA LEU A 349 9.17 -6.35 8.45
CA LEU A 349 9.18 -6.37 8.44
C LEU A 349 8.61 -7.31 9.49
C LEU A 349 8.61 -7.32 9.51
N CYS A 350 7.28 -7.33 9.64
CA CYS A 350 6.64 -8.16 10.65
C CYS A 350 6.55 -9.64 10.26
N TRP A 351 6.46 -9.93 8.97
CA TRP A 351 6.27 -11.30 8.51
C TRP A 351 7.55 -12.00 8.05
N LEU A 352 8.55 -11.23 7.65
N LEU A 352 8.55 -11.22 7.65
CA LEU A 352 9.80 -11.80 7.14
CA LEU A 352 9.80 -11.76 7.14
C LEU A 352 10.55 -12.71 8.13
C LEU A 352 10.55 -12.69 8.11
N PRO A 353 10.61 -12.34 9.43
CA PRO A 353 11.29 -13.27 10.35
C PRO A 353 10.74 -14.70 10.34
N LEU A 354 9.42 -14.86 10.36
CA LEU A 354 8.81 -16.19 10.26
C LEU A 354 9.25 -16.92 9.00
N HIS A 355 9.21 -16.21 7.87
CA HIS A 355 9.55 -16.82 6.58
C HIS A 355 11.03 -17.17 6.52
N ILE A 356 11.88 -16.31 7.07
CA ILE A 356 13.32 -16.56 7.08
C ILE A 356 13.64 -17.79 7.93
N ILE A 357 13.00 -17.89 9.09
CA ILE A 357 13.16 -19.06 9.95
C ILE A 357 12.81 -20.33 9.20
N ASN A 358 11.71 -20.31 8.45
CA ASN A 358 11.31 -21.47 7.65
C ASN A 358 12.36 -21.83 6.60
N CYS A 359 13.00 -20.81 6.02
CA CYS A 359 14.06 -21.05 5.06
C CYS A 359 15.24 -21.77 5.72
N PHE A 360 15.57 -21.40 6.96
CA PHE A 360 16.65 -22.06 7.69
C PHE A 360 16.29 -23.51 8.01
N THR A 361 15.07 -23.72 8.47
CA THR A 361 14.57 -25.06 8.76
C THR A 361 14.61 -25.95 7.52
N PHE A 362 14.21 -25.38 6.39
CA PHE A 362 14.10 -26.11 5.15
C PHE A 362 15.44 -26.34 4.46
N PHE A 363 16.20 -25.27 4.24
CA PHE A 363 17.41 -25.34 3.45
C PHE A 363 18.63 -25.84 4.23
N CYS A 364 18.55 -25.82 5.55
CA CYS A 364 19.68 -26.21 6.38
C CYS A 364 19.29 -27.23 7.45
N PRO A 365 19.14 -28.50 7.04
CA PRO A 365 18.78 -29.58 7.96
C PRO A 365 19.91 -29.92 8.94
N ASP A 366 21.12 -29.47 8.64
CA ASP A 366 22.26 -29.68 9.52
C ASP A 366 22.31 -28.63 10.63
N CYS A 367 21.49 -27.58 10.48
CA CYS A 367 21.38 -26.55 11.51
C CYS A 367 20.33 -26.93 12.53
N SER A 368 20.59 -26.64 13.79
N SER A 368 20.60 -26.64 13.79
CA SER A 368 19.60 -26.86 14.85
CA SER A 368 19.61 -26.84 14.85
C SER A 368 18.37 -26.01 14.58
C SER A 368 18.37 -26.01 14.57
N HIS A 369 17.20 -26.57 14.88
CA HIS A 369 15.94 -25.85 14.66
C HIS A 369 15.90 -24.61 15.53
N ALA A 370 15.34 -23.52 14.99
CA ALA A 370 15.14 -22.30 15.77
C ALA A 370 14.40 -22.65 17.05
N PRO A 371 14.88 -22.13 18.19
CA PRO A 371 14.30 -22.47 19.50
C PRO A 371 12.84 -22.05 19.61
N LEU A 372 12.10 -22.71 20.49
CA LEU A 372 10.67 -22.48 20.63
C LEU A 372 10.33 -21.04 20.99
N TRP A 373 11.14 -20.44 21.86
CA TRP A 373 10.88 -19.07 22.30
C TRP A 373 11.00 -18.09 21.14
N LEU A 374 11.88 -18.39 20.18
CA LEU A 374 12.06 -17.54 19.01
C LEU A 374 10.89 -17.70 18.05
N MET A 375 10.37 -18.92 17.94
CA MET A 375 9.19 -19.17 17.13
C MET A 375 8.02 -18.36 17.66
N TYR A 376 7.82 -18.41 18.97
CA TYR A 376 6.76 -17.64 19.62
C TYR A 376 6.93 -16.14 19.35
N LEU A 377 8.16 -15.67 19.44
CA LEU A 377 8.44 -14.25 19.23
C LEU A 377 8.15 -13.84 17.79
N ALA A 378 8.51 -14.70 16.85
CA ALA A 378 8.24 -14.45 15.44
C ALA A 378 6.74 -14.44 15.15
N ILE A 379 6.01 -15.29 15.85
CA ILE A 379 4.57 -15.36 15.68
C ILE A 379 3.89 -14.11 16.24
N VAL A 380 4.27 -13.73 17.45
N VAL A 380 4.28 -13.69 17.43
CA VAL A 380 3.78 -12.52 18.09
CA VAL A 380 3.65 -12.51 18.02
C VAL A 380 4.03 -11.29 17.22
C VAL A 380 4.05 -11.23 17.26
N LEU A 381 5.24 -11.22 16.66
CA LEU A 381 5.63 -10.08 15.81
C LEU A 381 4.74 -9.98 14.58
N ALA A 382 4.47 -11.12 13.95
CA ALA A 382 3.58 -11.14 12.78
C ALA A 382 2.20 -10.63 13.17
N HIS A 383 1.72 -11.06 14.33
CA HIS A 383 0.40 -10.66 14.82
C HIS A 383 0.31 -9.18 15.17
N THR A 384 1.43 -8.60 15.61
N THR A 384 1.42 -8.59 15.62
CA THR A 384 1.49 -7.19 15.99
CA THR A 384 1.43 -7.18 16.00
C THR A 384 1.19 -6.30 14.79
C THR A 384 1.21 -6.28 14.79
N ASN A 385 1.45 -6.82 13.59
CA ASN A 385 1.21 -6.07 12.37
C ASN A 385 -0.27 -5.72 12.21
N SER A 386 -1.14 -6.54 12.77
CA SER A 386 -2.56 -6.29 12.72
C SER A 386 -2.99 -5.16 13.64
N VAL A 387 -2.04 -4.66 14.44
CA VAL A 387 -2.32 -3.57 15.37
C VAL A 387 -1.83 -2.21 14.84
N VAL A 388 -0.77 -2.25 14.01
CA VAL A 388 -0.02 -1.02 13.71
C VAL A 388 -0.67 -0.07 12.70
N ASN A 389 -1.42 -0.61 11.74
CA ASN A 389 -2.00 0.24 10.68
C ASN A 389 -2.89 1.39 11.17
N PRO A 390 -3.82 1.13 12.11
CA PRO A 390 -4.65 2.25 12.59
C PRO A 390 -3.84 3.43 13.14
N PHE A 391 -2.67 3.14 13.69
CA PHE A 391 -1.79 4.19 14.20
C PHE A 391 -1.13 4.97 13.06
N ILE A 392 -0.77 4.25 11.99
CA ILE A 392 -0.18 4.91 10.83
C ILE A 392 -1.18 5.88 10.20
N TYR A 393 -2.43 5.45 10.08
CA TYR A 393 -3.48 6.30 9.54
C TYR A 393 -3.69 7.53 10.42
N ALA A 394 -3.69 7.31 11.73
CA ALA A 394 -3.92 8.38 12.69
C ALA A 394 -2.83 9.45 12.64
N TYR A 395 -1.59 9.00 12.53
CA TYR A 395 -0.44 9.92 12.57
C TYR A 395 -0.13 10.57 11.22
N ARG A 396 -0.60 9.97 10.13
CA ARG A 396 -0.22 10.46 8.79
C ARG A 396 -1.39 10.98 7.94
N ILE A 397 -2.61 10.62 8.30
CA ILE A 397 -3.76 11.03 7.51
C ILE A 397 -4.75 11.85 8.34
N ARG A 398 -4.83 13.15 8.04
CA ARG A 398 -5.64 14.09 8.82
C ARG A 398 -7.11 13.69 8.87
N GLU A 399 -7.66 13.30 7.73
CA GLU A 399 -9.09 12.98 7.64
C GLU A 399 -9.44 11.79 8.52
N PHE A 400 -8.53 10.82 8.63
CA PHE A 400 -8.72 9.68 9.52
C PHE A 400 -8.64 10.10 10.98
N ARG A 401 -7.57 10.83 11.30
CA ARG A 401 -7.32 11.28 12.66
C ARG A 401 -8.46 12.11 13.23
N GLN A 402 -8.99 13.02 12.41
CA GLN A 402 -10.09 13.88 12.84
C GLN A 402 -11.37 13.06 12.99
N THR A 403 -11.54 12.06 12.13
CA THR A 403 -12.70 11.19 12.20
C THR A 403 -12.62 10.29 13.44
N PHE A 404 -11.41 9.80 13.71
CA PHE A 404 -11.16 8.99 14.90
C PHE A 404 -11.55 9.75 16.17
N ARG A 405 -11.14 11.01 16.25
N ARG A 405 -11.14 11.01 16.25
CA ARG A 405 -11.44 11.84 17.42
CA ARG A 405 -11.44 11.84 17.42
C ARG A 405 -12.95 12.02 17.61
C ARG A 405 -12.95 12.02 17.61
N LYS A 406 -13.66 12.25 16.52
CA LYS A 406 -15.10 12.44 16.57
C LYS A 406 -15.82 11.18 17.06
N ILE A 407 -15.34 10.02 16.63
CA ILE A 407 -15.92 8.75 17.04
C ILE A 407 -15.69 8.50 18.54
N ILE A 408 -14.47 8.73 18.99
CA ILE A 408 -14.09 8.48 20.38
C ILE A 408 -14.78 9.44 21.35
N ARG A 409 -14.72 10.73 21.04
CA ARG A 409 -15.32 11.75 21.89
C ARG A 409 -16.82 11.55 22.05
N SER A 410 -17.53 11.48 20.92
CA SER A 410 -18.97 11.26 20.92
C SER A 410 -19.30 9.80 21.23
NA NA B . -2.74 -8.05 7.79
C01 F9Q C . -0.92 -20.64 13.87
C02 F9Q C . 0.30 -19.94 13.32
C03 F9Q C . 1.52 -20.73 12.88
C04 F9Q C . 2.69 -20.03 12.34
C05 F9Q C . 2.69 -18.57 12.24
C06 F9Q C . 1.47 -17.79 12.66
CL7 F9Q C . 1.46 -16.06 12.53
N08 F9Q C . 0.30 -18.49 13.20
C09 F9Q C . 3.91 -20.83 11.93
C10 F9Q C . 4.61 -20.63 10.63
N11 F9Q C . 5.72 -21.39 10.33
C12 F9Q C . 6.18 -22.38 11.25
N13 F9Q C . 7.32 -23.16 10.93
N14 F9Q C . 5.50 -22.58 12.51
N15 F9Q C . 4.38 -21.80 12.81
C16 F9Q C . 4.19 -19.59 9.60
C17 F9Q C . 2.74 -19.38 9.24
C18 F9Q C . 2.37 -18.35 8.21
C19 F9Q C . 3.45 -17.55 7.51
F20 F9Q C . 3.13 -16.64 6.59
C21 F9Q C . 4.91 -17.78 7.86
C22 F9Q C . 5.27 -18.81 8.90
C1 CLR D . -11.35 -29.51 16.20
C2 CLR D . -10.73 -30.91 16.46
C3 CLR D . -11.26 -31.94 15.50
C4 CLR D . -11.06 -31.49 14.04
C5 CLR D . -11.60 -30.11 13.77
C6 CLR D . -12.37 -29.93 12.68
C7 CLR D . -13.03 -28.62 12.29
C8 CLR D . -12.50 -27.44 13.10
C9 CLR D . -12.25 -27.84 14.56
C10 CLR D . -11.26 -29.00 14.75
C11 CLR D . -11.89 -26.59 15.38
C12 CLR D . -12.87 -25.42 15.20
C13 CLR D . -13.17 -25.04 13.77
C14 CLR D . -13.53 -26.34 13.07
C15 CLR D . -14.01 -25.88 11.69
C16 CLR D . -14.70 -24.56 12.00
C17 CLR D . -14.40 -24.17 13.45
C18 CLR D . -11.93 -24.35 13.13
C19 CLR D . -9.80 -28.55 14.47
C20 CLR D . -14.35 -22.64 13.57
C21 CLR D . -14.13 -22.15 15.00
C22 CLR D . -15.66 -22.03 13.03
C23 CLR D . -15.77 -20.49 13.15
C24 CLR D . -17.10 -20.00 12.56
C25 CLR D . -17.15 -18.48 12.33
C26 CLR D . -18.29 -18.10 11.39
C27 CLR D . -17.28 -17.72 13.64
O1 CLR D . -10.60 -33.20 15.69
C1 CLR E . 18.05 -20.46 12.80
C2 CLR E . 18.54 -21.82 13.34
C3 CLR E . 20.05 -21.94 13.31
C4 CLR E . 20.72 -20.75 14.02
C5 CLR E . 20.19 -19.41 13.56
C6 CLR E . 21.07 -18.44 13.26
C7 CLR E . 20.69 -17.03 12.86
C8 CLR E . 19.20 -16.76 13.06
C9 CLR E . 18.37 -17.98 12.64
C10 CLR E . 18.68 -19.24 13.46
C11 CLR E . 16.88 -17.65 12.61
C12 CLR E . 16.56 -16.34 11.87
C13 CLR E . 17.34 -15.14 12.34
C14 CLR E . 18.80 -15.57 12.22
C15 CLR E . 19.59 -14.27 12.42
C16 CLR E . 18.66 -13.20 11.85
C17 CLR E . 17.32 -13.84 11.51
C18 CLR E . 16.95 -14.81 13.81
C19 CLR E . 18.13 -19.11 14.91
C20 CLR E . 16.18 -12.82 11.67
C21 CLR E . 14.80 -13.39 11.31
C22 CLR E . 16.44 -11.58 10.80
C23 CLR E . 15.20 -10.72 10.49
C24 CLR E . 15.61 -9.42 9.79
C25 CLR E . 14.49 -8.37 9.73
C26 CLR E . 13.35 -8.83 8.82
C27 CLR E . 13.95 -8.03 11.11
O1 CLR E . 20.44 -23.15 13.98
C1 CLR F . 20.21 -21.16 3.10
C2 CLR F . 20.96 -22.38 3.65
C3 CLR F . 22.24 -22.00 4.36
C4 CLR F . 21.99 -20.91 5.42
C5 CLR F . 21.19 -19.74 4.89
C6 CLR F . 21.63 -18.48 5.13
C7 CLR F . 20.87 -17.22 4.77
C8 CLR F . 19.46 -17.53 4.28
C9 CLR F . 19.45 -18.78 3.39
C10 CLR F . 19.93 -20.05 4.11
C11 CLR F . 18.08 -18.95 2.71
C12 CLR F . 17.54 -17.67 2.07
C13 CLR F . 17.53 -16.46 2.97
C14 CLR F . 18.96 -16.34 3.48
C15 CLR F . 19.00 -14.99 4.19
C16 CLR F . 18.04 -14.15 3.36
C17 CLR F . 17.32 -15.06 2.36
C18 CLR F . 16.49 -16.66 4.11
C19 CLR F . 18.86 -20.55 5.12
C20 CLR F . 15.91 -14.52 2.06
C21 CLR F . 15.21 -15.28 0.94
C22 CLR F . 15.97 -13.02 1.69
C23 CLR F . 14.62 -12.36 1.37
C24 CLR F . 14.83 -11.17 0.44
C25 CLR F . 14.44 -9.81 1.04
C26 CLR F . 12.92 -9.66 1.18
C27 CLR F . 15.11 -9.56 2.39
O1 CLR F . 22.78 -23.14 5.03
C1 OLA G . -6.17 -28.68 24.95
O1 OLA G . -5.16 -29.27 25.40
O2 OLA G . -7.12 -29.38 24.56
C2 OLA G . -6.25 -27.16 24.86
C3 OLA G . -7.53 -26.69 24.16
C4 OLA G . -7.31 -25.56 23.17
C5 OLA G . -7.37 -24.18 23.80
C6 OLA G . -8.50 -23.30 23.27
C7 OLA G . -8.00 -21.91 22.92
C8 OLA G . -9.07 -20.83 22.91
C9 OLA G . -8.40 -19.47 22.79
C10 OLA G . -9.00 -18.27 22.95
C11 OLA G . -10.48 -18.10 23.26
C12 OLA G . -11.01 -16.71 22.84
C13 OLA G . -11.90 -16.75 21.59
C14 OLA G . -13.03 -15.70 21.62
C15 OLA G . -13.74 -15.52 20.26
C16 OLA G . -13.71 -14.08 19.74
C17 OLA G . -15.10 -13.42 19.66
C18 OLA G . -15.03 -11.88 19.76
C1 OLA H . 20.36 -21.51 18.43
O1 OLA H . 20.72 -22.04 19.51
O2 OLA H . 19.84 -22.23 17.57
C2 OLA H . 20.55 -20.02 18.16
C3 OLA H . 19.84 -19.17 19.21
C4 OLA H . 18.80 -18.22 18.60
C5 OLA H . 19.38 -16.90 18.14
C6 OLA H . 18.57 -15.68 18.55
C7 OLA H . 18.83 -14.50 17.61
C8 OLA H . 17.60 -13.68 17.26
C9 OLA H . 17.89 -12.20 17.52
C10 OLA H . 17.19 -11.40 18.35
C11 OLA H . 16.00 -11.86 19.16
C12 OLA H . 15.29 -10.69 19.88
C13 OLA H . 16.08 -10.12 21.07
C1 OLA I . 9.02 1.18 7.95
O1 OLA I . 9.12 2.34 8.41
O2 OLA I . 9.17 0.22 8.73
C2 OLA I . 8.76 0.92 6.48
C3 OLA I . 10.01 0.44 5.74
C4 OLA I . 10.48 -0.95 6.17
C5 OLA I . 11.49 -1.56 5.21
C6 OLA I . 11.57 -3.08 5.23
C7 OLA I . 11.28 -3.67 3.84
C1 OLA J . -6.88 -1.06 -8.52
O1 OLA J . -6.92 -0.96 -7.27
O2 OLA J . -7.37 -0.14 -9.20
C2 OLA J . -6.27 -2.26 -9.21
C3 OLA J . -5.94 -3.39 -8.22
C4 OLA J . -5.40 -4.65 -8.89
C5 OLA J . -5.43 -5.87 -8.00
C6 OLA J . -4.08 -6.31 -7.46
C7 OLA J . -4.16 -7.69 -6.81
C1 OLA K . 2.07 -0.68 18.27
O1 OLA K . 2.85 -0.01 19.01
O2 OLA K . 1.26 -0.06 17.57
C2 OLA K . 2.13 -2.19 18.23
C3 OLA K . 2.65 -2.79 19.53
C4 OLA K . 1.69 -3.77 20.19
C5 OLA K . 2.34 -4.63 21.26
C6 OLA K . 1.39 -5.61 21.95
C7 OLA K . 2.17 -6.71 22.67
C1 OLA L . 10.35 -20.53 26.80
O1 OLA L . 11.48 -20.19 27.22
O2 OLA L . 10.28 -21.52 26.04
C2 OLA L . 9.10 -19.78 27.18
C3 OLA L . 8.09 -19.69 26.02
C4 OLA L . 8.35 -18.50 25.09
C5 OLA L . 8.79 -17.25 25.81
C6 OLA L . 7.78 -16.10 25.77
C7 OLA L . 7.11 -15.99 24.41
C8 OLA L . 7.45 -14.75 23.61
C9 OLA L . 6.20 -13.87 23.53
C10 OLA L . 6.13 -12.57 23.89
C11 OLA L . 7.29 -11.79 24.46
C12 OLA L . 6.94 -10.31 24.67
C13 OLA L . 7.30 -9.42 23.47
C14 OLA L . 6.07 -8.82 22.77
C15 OLA L . 6.40 -7.68 21.78
C16 OLA L . 6.25 -8.09 20.31
C1 OLA M . -16.32 -9.82 -15.26
O1 OLA M . -16.31 -8.67 -15.76
O2 OLA M . -17.21 -10.60 -15.63
C2 OLA M . -15.29 -10.27 -14.23
C3 OLA M . -14.97 -11.76 -14.37
C4 OLA M . -14.18 -12.32 -13.19
C5 OLA M . -12.69 -12.45 -13.46
C6 OLA M . -11.89 -13.07 -12.33
C7 OLA M . -10.55 -13.63 -12.80
C8 OLA M . -10.03 -14.81 -11.98
C9 OLA M . -9.21 -15.71 -12.88
C10 OLA M . -8.84 -16.99 -12.62
C11 OLA M . -9.19 -17.71 -11.33
C12 OLA M . -8.96 -19.23 -11.45
C13 OLA M . -7.46 -19.62 -11.57
C14 OLA M . -6.64 -19.26 -10.31
C15 OLA M . -6.15 -20.49 -9.53
C16 OLA M . -5.64 -20.14 -8.12
C17 OLA M . -4.38 -20.92 -7.71
C18 OLA M . -4.32 -21.21 -6.20
C1 OLA N . -9.55 -25.68 28.23
O1 OLA N . -10.50 -26.07 28.96
O2 OLA N . -8.61 -26.47 28.05
C2 OLA N . -9.54 -24.32 27.56
C3 OLA N . -10.90 -23.62 27.67
C4 OLA N . -10.90 -22.20 27.13
C5 OLA N . -12.01 -21.33 27.69
C6 OLA N . -12.29 -20.06 26.90
C7 OLA N . -13.20 -19.11 27.68
C8 OLA N . -13.49 -17.79 26.98
C9 OLA N . -14.98 -17.53 27.02
C10 OLA N . -15.70 -16.85 26.10
C11 OLA N . -15.07 -16.25 24.85
C12 OLA N . -15.81 -14.97 24.40
C13 OLA N . -17.02 -15.24 23.48
C1 OLA O . -14.20 1.61 19.07
O1 OLA O . -14.12 0.37 19.22
O2 OLA O . -14.90 2.05 18.15
C2 OLA O . -13.45 2.57 19.99
C3 OLA O . -12.14 1.97 20.50
C4 OLA O . -10.90 2.65 19.93
C5 OLA O . -9.81 2.86 20.95
C6 OLA O . -8.40 2.94 20.36
C7 OLA O . -7.86 1.57 19.98
C8 OLA O . -6.62 1.59 19.13
C9 OLA O . -5.61 0.60 19.67
C10 OLA O . -4.83 -0.22 18.94
C1 OLA P . 15.39 -17.34 26.44
O1 OLA P . 16.64 -17.41 26.29
O2 OLA P . 14.80 -18.34 26.86
C2 OLA P . 14.62 -16.06 26.14
C3 OLA P . 13.12 -16.25 26.25
C4 OLA P . 12.31 -14.98 25.99
C5 OLA P . 13.15 -13.85 25.42
C6 OLA P . 12.34 -12.70 24.84
C1 OLA Q . -3.28 -21.46 30.31
O1 OLA Q . -2.04 -21.44 30.06
O2 OLA Q . -3.79 -22.57 30.53
C2 OLA Q . -4.11 -20.20 30.36
C3 OLA Q . -3.50 -19.14 31.29
C4 OLA Q . -3.35 -17.77 30.63
C5 OLA Q . -3.98 -16.64 31.42
C6 OLA Q . -4.69 -15.59 30.57
C7 OLA Q . -5.37 -14.54 31.44
C8 OLA Q . -6.02 -13.40 30.68
C9 OLA Q . -4.96 -12.68 29.86
C1 OLA R . -15.42 -6.93 -11.27
O1 OLA R . -14.29 -6.45 -11.36
O2 OLA R . -16.40 -6.12 -11.26
C2 OLA R . -15.63 -8.43 -11.17
C3 OLA R . -16.95 -8.79 -10.46
C4 OLA R . -17.14 -10.28 -10.27
C5 OLA R . -16.71 -10.78 -8.90
C6 OLA R . -17.37 -12.08 -8.45
C7 OLA R . -16.35 -13.04 -7.83
C8 OLA R . -16.15 -14.34 -8.59
C9 OLA R . -14.86 -15.00 -8.11
C10 OLA R . -14.00 -15.70 -8.88
C11 OLA R . -12.72 -16.33 -8.34
C12 OLA R . -11.58 -16.31 -9.38
C1 OLA S . -1.04 -25.70 27.75
O1 OLA S . 0.15 -25.51 28.11
O2 OLA S . -1.47 -26.88 27.75
C2 OLA S . -1.95 -24.56 27.34
C3 OLA S . -3.39 -24.78 27.79
C4 OLA S . -4.42 -24.01 26.97
C5 OLA S . -4.92 -22.74 27.67
C6 OLA S . -6.28 -22.25 27.21
C7 OLA S . -6.25 -20.77 26.83
C8 OLA S . -7.48 -19.99 27.21
C9 OLA S . -7.06 -18.66 27.82
C10 OLA S . -7.79 -17.52 27.82
C11 OLA S . -9.15 -17.40 27.19
C1 OLA T . -25.66 3.77 11.36
O1 OLA T . -26.29 4.71 11.92
O2 OLA T . -25.11 4.01 10.27
C2 OLA T . -25.56 2.39 11.98
C3 OLA T . -24.74 1.44 11.10
C4 OLA T . -24.57 0.05 11.71
C5 OLA T . -23.49 -0.78 11.04
C6 OLA T . -22.46 0.02 10.26
C7 OLA T . -21.71 -0.84 9.25
C8 OLA T . -20.52 -1.59 9.81
C9 OLA T . -19.28 -0.72 9.66
C10 OLA T . -18.21 -0.71 10.49
C11 OLA T . -18.08 -1.59 11.71
C12 OLA T . -17.37 -2.93 11.40
C13 OLA T . -17.10 -3.78 12.66
C14 OLA T . -16.92 -5.28 12.34
C15 OLA T . -17.21 -6.20 13.54
C16 OLA T . -16.58 -7.60 13.41
C17 OLA T . -16.11 -8.18 14.75
C1 OLA U . 7.86 -0.72 -0.12
O1 OLA U . 8.49 0.33 -0.35
O2 OLA U . 6.66 -0.61 0.28
C2 OLA U . 8.52 -2.07 -0.32
C3 OLA U . 7.58 -3.22 0.04
C4 OLA U . 8.30 -4.39 0.73
C5 OLA U . 9.51 -4.89 -0.04
C6 OLA U . 10.48 -5.75 0.77
C7 OLA U . 10.78 -7.07 0.07
C10 OLC V . 11.92 -13.66 -6.21
C9 OLC V . 11.84 -14.94 -5.91
C8 OLC V . 12.96 -15.73 -5.35
C24 OLC V . 17.33 -26.33 -2.40
C7 OLC V . 12.78 -17.18 -5.77
C6 OLC V . 14.06 -17.86 -6.26
C5 OLC V . 14.16 -19.34 -5.97
C4 OLC V . 15.42 -20.04 -6.38
C3 OLC V . 15.52 -21.31 -5.56
C2 OLC V . 16.51 -22.37 -5.97
C21 OLC V . 17.35 -25.77 -5.00
C1 OLC V . 16.53 -23.43 -4.87
C22 OLC V . 17.79 -26.58 -3.80
O19 OLC V . 15.63 -23.50 -4.09
O25 OLC V . 17.44 -27.67 -1.93
O23 OLC V . 18.70 -27.65 -3.87
O20 OLC V . 17.56 -24.40 -4.67
C10 OLC W . -12.23 -25.54 -5.92
C9 OLC W . -12.26 -26.76 -5.43
C11 OLC W . -11.58 -24.36 -5.27
C8 OLC W . -11.62 -27.12 -4.13
C24 OLC W . -6.05 -33.49 1.34
C16 OLC W . -9.51 -20.26 -8.45
C12 OLC W . -12.23 -23.05 -5.70
C7 OLC W . -11.84 -28.62 -3.90
C15 OLC W . -9.90 -20.31 -6.97
C13 OLC W . -11.25 -21.92 -5.52
C6 OLC W . -12.85 -28.94 -2.80
C14 OLC W . -11.29 -20.90 -6.66
C5 OLC W . -12.35 -29.87 -1.72
C4 OLC W . -10.89 -29.83 -1.39
C3 OLC W . -10.63 -30.85 -0.31
C2 OLC W . -11.28 -32.21 -0.42
C21 OLC W . -8.37 -34.54 0.58
C1 OLC W . -10.43 -33.18 0.39
C22 OLC W . -6.89 -34.32 0.42
O19 OLC W . -10.95 -33.97 1.13
O25 OLC W . -5.10 -34.49 1.68
O23 OLC W . -6.12 -34.89 -0.63
O20 OLC W . -9.00 -33.27 0.34
C9 OLC X . 15.77 -14.01 -3.78
C8 OLC X . 15.24 -15.15 -2.96
C24 OLC X . 21.58 -27.03 -0.27
C7 OLC X . 15.97 -16.41 -3.39
C6 OLC X . 17.06 -16.88 -2.44
C5 OLC X . 17.43 -18.34 -2.54
C4 OLC X . 17.49 -19.14 -1.28
C3 OLC X . 18.22 -20.43 -1.61
C2 OLC X . 18.86 -21.21 -0.48
C21 OLC X . 20.52 -24.71 -1.04
C1 OLC X . 19.40 -22.50 -1.06
C22 OLC X . 21.16 -25.61 -0.01
O19 OLC X . 19.30 -22.71 -2.24
O25 OLC X . 22.20 -27.26 0.99
O23 OLC X . 21.43 -25.21 1.31
O20 OLC X . 20.05 -23.56 -0.34
C24 OLC Y . -22.53 0.71 -0.88
C7 OLC Y . -18.88 -9.28 4.37
C6 OLC Y . -18.76 -7.85 4.89
C5 OLC Y . -19.24 -6.78 3.94
C4 OLC Y . -20.12 -5.70 4.50
C3 OLC Y . -20.05 -4.54 3.54
C2 OLC Y . -21.13 -3.47 3.61
C21 OLC Y . -21.69 -1.24 0.72
C1 OLC Y . -20.70 -2.32 2.71
C22 OLC Y . -22.42 0.06 0.45
O19 OLC Y . -19.54 -2.17 2.44
O25 OLC Y . -23.93 0.98 -0.84
O23 OLC Y . -23.06 0.80 1.47
O20 OLC Y . -21.57 -1.34 2.14
C8 OLC Z . -15.78 -27.54 7.17
C24 OLC Z . -9.55 -37.63 9.74
C7 OLC Z . -14.28 -27.68 7.44
C6 OLC Z . -13.84 -29.05 7.91
C5 OLC Z . -12.39 -29.18 8.29
C4 OLC Z . -11.68 -30.44 7.90
C3 OLC Z . -12.29 -31.57 8.70
C2 OLC Z . -12.13 -32.99 8.20
C21 OLC Z . -10.10 -35.43 8.36
C1 OLC Z . -11.73 -33.84 9.38
C22 OLC Z . -9.14 -36.39 9.03
O19 OLC Z . -11.89 -33.44 10.50
O25 OLC Z . -8.26 -38.11 10.05
O23 OLC Z . -7.74 -36.20 9.03
O20 OLC Z . -11.13 -35.15 9.30
C10 OLC AA . -15.06 -20.01 22.62
C9 OLC AA . -13.91 -20.60 22.93
C11 OLC AA . -16.13 -20.61 21.76
C8 OLC AA . -13.54 -21.96 22.45
C24 OLC AA . -10.36 -34.14 27.50
C12 OLC AA . -17.42 -19.79 21.80
C7 OLC AA . -13.17 -22.81 23.67
C15 OLC AA . -18.13 -16.43 19.96
C13 OLC AA . -17.17 -18.42 21.23
C6 OLC AA . -12.36 -24.05 23.35
C14 OLC AA . -18.36 -17.86 20.45
C5 OLC AA . -12.84 -25.32 24.00
C4 OLC AA . -11.93 -25.98 25.00
C3 OLC AA . -12.35 -27.43 25.10
C2 OLC AA . -11.34 -28.50 24.76
C21 OLC AA . -10.62 -31.52 27.14
C1 OLC AA . -11.44 -29.58 25.82
C22 OLC AA . -10.26 -32.92 26.66
O19 OLC AA . -12.36 -29.58 26.59
O25 OLC AA . -10.19 -35.10 26.47
O23 OLC AA . -9.79 -33.18 25.35
O20 OLC AA . -10.51 -30.66 26.00
C18 OLC BA . -16.83 -7.74 -0.80
C10 OLC BA . -15.16 -17.48 0.37
C9 OLC BA . -14.41 -18.42 -0.18
C17 OLC BA . -16.82 -8.85 0.23
C11 OLC BA . -14.74 -16.07 0.59
C8 OLC BA . -14.86 -19.83 -0.38
C24 OLC BA . -11.05 -29.72 2.68
C16 OLC BA . -15.88 -10.02 -0.07
C12 OLC BA . -15.64 -15.07 -0.15
C7 OLC BA . -14.03 -20.43 -1.51
C15 OLC BA . -16.45 -11.36 0.39
C13 OLC BA . -15.41 -13.69 0.38
C6 OLC BA . -12.65 -20.90 -1.09
C14 OLC BA . -16.10 -12.60 -0.45
C5 OLC BA . -12.06 -22.03 -1.90
C4 OLC BA . -10.79 -22.66 -1.41
C3 OLC BA . -11.03 -24.15 -1.33
C2 OLC BA . -10.21 -24.97 -0.34
C21 OLC BA . -11.53 -27.09 2.59
C1 OLC BA . -11.18 -25.62 0.62
C22 OLC BA . -11.97 -28.54 2.66
O19 OLC BA . -12.22 -25.08 0.90
O25 OLC BA . -11.84 -30.57 3.49
O23 OLC BA . -13.34 -28.92 2.71
O20 OLC BA . -10.99 -26.88 1.29
C18 OLC CA . -17.97 -12.70 17.56
C10 OLC CA . -12.55 -19.50 19.18
C9 OLC CA . -11.67 -20.47 19.33
C17 OLC CA . -17.04 -13.40 16.60
C11 OLC CA . -13.27 -19.19 17.91
C8 OLC CA . -11.27 -21.39 18.22
C24 OLC CA . -8.32 -32.72 21.85
C16 OLC CA . -17.43 -14.82 16.21
C12 OLC CA . -14.09 -17.91 18.01
C7 OLC CA . -10.59 -22.60 18.85
C15 OLC CA . -16.72 -15.88 17.04
C13 OLC CA . -15.22 -17.95 17.03
C6 OLC CA . -11.20 -23.94 18.44
C14 OLC CA . -15.52 -16.59 16.39
C5 OLC CA . -10.37 -25.15 18.80
C4 OLC CA . -10.67 -25.83 20.10
C3 OLC CA . -10.25 -27.27 19.96
C2 OLC CA . -9.84 -28.05 21.20
C21 OLC CA . -10.80 -31.79 21.78
C1 OLC CA . -10.37 -29.46 21.04
C22 OLC CA . -9.73 -32.78 21.38
O19 OLC CA . -11.03 -29.75 20.09
O25 OLC CA . -8.33 -33.87 22.68
O23 OLC CA . -9.98 -33.89 20.53
O20 OLC CA . -10.15 -30.53 21.97
C10 OLC DA . -13.98 -13.47 4.49
C9 OLC DA . -14.03 -12.29 3.89
C17 OLC DA . -14.83 -20.15 9.69
C11 OLC DA . -14.30 -13.71 5.93
C8 OLC DA . -14.43 -11.03 4.58
C24 OLC DA . -17.23 -0.12 -2.58
C16 OLC DA . -13.94 -19.29 8.81
C12 OLC DA . -14.78 -15.14 6.17
C7 OLC DA . -14.41 -9.91 3.54
C15 OLC DA . -14.39 -17.83 8.75
C13 OLC DA . -14.43 -15.58 7.56
C6 OLC DA . -14.50 -8.50 4.10
C14 OLC DA . -13.81 -16.97 7.62
C5 OLC DA . -14.37 -7.40 3.09
C4 OLC DA . -14.78 -6.02 3.50
C3 OLC DA . -14.64 -5.12 2.28
C2 OLC DA . -15.86 -4.39 1.76
C21 OLC DA . -15.93 -1.71 -0.89
C1 OLC DA . -15.37 -3.14 1.08
C22 OLC DA . -17.16 -0.97 -1.36
O19 OLC DA . -14.19 -2.89 1.04
O25 OLC DA . -18.65 -0.04 -2.69
O23 OLC DA . -18.40 -1.02 -0.66
O20 OLC DA . -16.20 -2.16 0.44
C10 OLC EA . -15.30 -10.08 8.91
C9 OLC EA . -14.80 -8.90 9.20
C11 OLC EA . -16.76 -10.40 8.86
C8 OLC EA . -15.62 -7.70 9.52
C24 OLC EA . -19.57 2.37 2.09
C12 OLC EA . -17.15 -11.20 7.61
C7 OLC EA . -15.10 -6.53 8.71
C15 OLC EA . -17.06 -14.74 9.24
C13 OLC EA . -17.59 -12.58 8.00
C6 OLC EA . -16.05 -6.01 7.63
C14 OLC EA . -16.56 -13.35 8.81
C5 OLC EA . -16.14 -4.51 7.51
C4 OLC EA . -17.07 -3.96 6.47
C3 OLC EA . -17.09 -2.46 6.66
C2 OLC EA . -17.86 -1.60 5.67
C21 OLC EA . -18.26 1.49 4.23
C1 OLC EA . -17.11 -0.29 5.52
C22 OLC EA . -18.38 1.78 2.76
O19 OLC EA . -16.39 0.11 6.40
O25 OLC EA . -18.93 2.89 0.95
O23 OLC EA . -17.32 1.51 1.84
O20 OLC EA . -17.18 0.58 4.38
#